data_7V10
#
_entry.id   7V10
#
_cell.length_a   59.411
_cell.length_b   59.693
_cell.length_c   67.154
_cell.angle_alpha   90.000
_cell.angle_beta   90.000
_cell.angle_gamma   90.000
#
_symmetry.space_group_name_H-M   'P 21 21 21'
#
loop_
_entity.id
_entity.type
_entity.pdbx_description
1 polymer 'Coagulation factor XIa light chain'
2 non-polymer 'methyl ~{N}-[4-[1-[(1~{R})-1-[5-[3-chloranyl-2-fluoranyl-6-(1,2,3,4-tetrazol-1-yl)phenyl]-1-oxidanyl-pyridin-2-yl]-2-cyclopropyl-ethyl]pyrazol-4-yl]phenyl]carbamate'
3 non-polymer 'CITRIC ACID'
4 water water
#
_entity_poly.entity_id   1
_entity_poly.type   'polypeptide(L)'
_entity_poly.pdbx_seq_one_letter_code
;IVGGTASVRGEWPWQVTLHTTSPTQRHLCGGSIIGNQWILTAAHCFYGVESPKILRVYSGILNQSEIKEDTSFFGVQEII
IHDQYKMAESGYDIALLKLETTVNYTDSQRPISLPSKGDRNVIYTDCWVTGWGYRKLRDKIQNTLQKAKIPLVTNEECQK
RYRGHKITHKMICAGYREGGKDACKGDSGGPLSCKHNEVWHLVGITSWGEGCAQRERPGVYTNVVEYVDWILEKTQAV
;
_entity_poly.pdbx_strand_id   A
#
loop_
_chem_comp.id
_chem_comp.type
_chem_comp.name
_chem_comp.formula
CIT non-polymer 'CITRIC ACID' 'C6 H8 O7'
OQI non-polymer 'methyl ~{N}-[4-[1-[(1~{R})-1-[5-[3-chloranyl-2-fluoranyl-6-(1,2,3,4-tetrazol-1-yl)phenyl]-1-oxidanyl-pyridin-2-yl]-2-cyclopropyl-ethyl]pyrazol-4-yl]phenyl]carbamate' 'C28 H24 Cl F N8 O3'
#
# COMPACT_ATOMS: atom_id res chain seq x y z
N ILE A 1 -8.87 1.20 7.03
CA ILE A 1 -8.52 2.58 7.39
C ILE A 1 -9.32 3.03 8.60
N VAL A 2 -8.62 3.45 9.68
CA VAL A 2 -9.27 3.98 10.88
C VAL A 2 -9.43 5.49 10.73
N GLY A 3 -10.56 6.01 11.18
CA GLY A 3 -10.83 7.43 11.11
C GLY A 3 -10.96 7.99 9.71
N GLY A 4 -11.19 7.15 8.71
CA GLY A 4 -11.24 7.60 7.34
C GLY A 4 -12.65 7.97 6.89
N THR A 5 -12.75 8.30 5.61
CA THR A 5 -14.04 8.61 4.99
C THR A 5 -14.09 7.94 3.63
N ALA A 6 -15.31 7.82 3.09
CA ALA A 6 -15.53 7.08 1.85
C ALA A 6 -14.93 7.81 0.66
N SER A 7 -14.28 7.06 -0.23
CA SER A 7 -13.82 7.62 -1.49
C SER A 7 -14.96 7.66 -2.51
N VAL A 8 -14.75 8.41 -3.59
CA VAL A 8 -15.67 8.41 -4.72
C VAL A 8 -14.98 7.77 -5.91
N ARG A 9 -15.79 7.40 -6.90
CA ARG A 9 -15.26 6.75 -8.10
C ARG A 9 -14.23 7.63 -8.79
N GLY A 10 -13.13 7.01 -9.20
CA GLY A 10 -12.05 7.70 -9.88
C GLY A 10 -11.09 8.46 -8.99
N GLU A 11 -11.32 8.49 -7.67
CA GLU A 11 -10.53 9.35 -6.80
C GLU A 11 -9.08 8.86 -6.66
N TRP A 12 -8.87 7.55 -6.54
CA TRP A 12 -7.53 6.98 -6.35
C TRP A 12 -7.26 5.93 -7.41
N PRO A 13 -7.09 6.34 -8.66
CA PRO A 13 -7.12 5.37 -9.76
C PRO A 13 -5.92 4.44 -9.81
N TRP A 14 -4.87 4.67 -9.01
CA TRP A 14 -3.76 3.73 -8.93
C TRP A 14 -3.98 2.64 -7.90
N GLN A 15 -5.02 2.76 -7.06
CA GLN A 15 -5.30 1.75 -6.05
C GLN A 15 -5.91 0.52 -6.70
N VAL A 16 -5.35 -0.64 -6.38
CA VAL A 16 -5.95 -1.91 -6.79
C VAL A 16 -6.31 -2.70 -5.54
N THR A 17 -7.22 -3.66 -5.72
CA THR A 17 -7.49 -4.66 -4.70
C THR A 17 -6.98 -6.00 -5.22
N LEU A 18 -6.09 -6.59 -4.45
CA LEU A 18 -5.50 -7.90 -4.74
C LEU A 18 -6.34 -8.95 -4.04
N HIS A 19 -6.94 -9.85 -4.83
CA HIS A 19 -7.72 -10.94 -4.27
C HIS A 19 -6.95 -12.25 -4.30
N THR A 20 -7.14 -13.06 -3.28
CA THR A 20 -6.78 -14.45 -3.38
C THR A 20 -8.05 -15.22 -3.73
N THR A 21 -7.86 -16.41 -4.33
CA THR A 21 -9.00 -17.26 -4.67
C THR A 21 -8.93 -18.60 -3.95
N SER A 22 -8.14 -18.68 -2.89
CA SER A 22 -7.97 -19.93 -2.17
C SER A 22 -7.91 -19.72 -0.67
N PRO A 23 -8.72 -20.45 0.08
CA PRO A 23 -9.67 -21.47 -0.38
C PRO A 23 -10.97 -20.86 -0.89
N THR A 24 -11.11 -19.55 -0.71
CA THR A 24 -12.26 -18.83 -1.22
C THR A 24 -11.81 -17.45 -1.71
N GLN A 25 -12.61 -16.84 -2.57
CA GLN A 25 -12.18 -15.55 -3.12
C GLN A 25 -12.42 -14.44 -2.10
N ARG A 26 -11.40 -13.60 -1.89
CA ARG A 26 -11.52 -12.50 -0.94
C ARG A 26 -10.40 -11.50 -1.16
N HIS A 27 -10.69 -10.25 -0.81
CA HIS A 27 -9.64 -9.24 -0.79
C HIS A 27 -8.51 -9.67 0.13
N LEU A 28 -7.28 -9.55 -0.35
CA LEU A 28 -6.08 -9.91 0.42
C LEU A 28 -5.27 -8.69 0.83
N CYS A 29 -5.02 -7.78 -0.10
CA CYS A 29 -4.13 -6.64 0.14
C CYS A 29 -4.47 -5.51 -0.82
N GLY A 30 -3.97 -4.32 -0.48
CA GLY A 30 -3.91 -3.26 -1.48
C GLY A 30 -2.68 -3.39 -2.37
N GLY A 31 -2.64 -2.55 -3.40
CA GLY A 31 -1.47 -2.40 -4.26
C GLY A 31 -1.64 -1.13 -5.06
N SER A 32 -0.58 -0.73 -5.76
CA SER A 32 -0.58 0.49 -6.57
C SER A 32 -0.08 0.20 -7.98
N ILE A 33 -0.80 0.70 -8.98
CA ILE A 33 -0.32 0.62 -10.37
C ILE A 33 0.86 1.58 -10.54
N ILE A 34 2.02 1.05 -10.94
CA ILE A 34 3.18 1.89 -11.26
C ILE A 34 3.66 1.74 -12.69
N GLY A 35 3.06 0.84 -13.46
CA GLY A 35 3.38 0.72 -14.87
C GLY A 35 2.31 -0.13 -15.51
N ASN A 36 2.32 -0.20 -16.85
CA ASN A 36 1.20 -0.85 -17.52
C ASN A 36 1.09 -2.32 -17.19
N GLN A 37 2.17 -2.95 -16.74
CA GLN A 37 2.17 -4.35 -16.37
C GLN A 37 2.58 -4.58 -14.92
N TRP A 38 2.62 -3.54 -14.09
CA TRP A 38 3.35 -3.60 -12.83
C TRP A 38 2.53 -3.04 -11.67
N ILE A 39 2.37 -3.86 -10.62
CA ILE A 39 1.78 -3.46 -9.36
C ILE A 39 2.86 -3.51 -8.28
N LEU A 40 2.92 -2.47 -7.45
CA LEU A 40 3.81 -2.44 -6.29
C LEU A 40 2.97 -2.70 -5.04
N THR A 41 3.42 -3.64 -4.21
CA THR A 41 2.63 -4.02 -3.02
C THR A 41 3.60 -4.48 -1.95
N ALA A 42 3.08 -5.06 -0.86
CA ALA A 42 3.90 -5.51 0.27
C ALA A 42 4.22 -7.00 0.15
N ALA A 43 5.48 -7.34 0.45
CA ALA A 43 5.91 -8.74 0.40
C ALA A 43 5.16 -9.60 1.40
N HIS A 44 4.81 -9.03 2.54
CA HIS A 44 4.09 -9.76 3.58
C HIS A 44 2.78 -10.33 3.07
N CYS A 45 2.17 -9.70 2.05
CA CYS A 45 0.89 -10.14 1.50
C CYS A 45 0.92 -11.60 1.01
N PHE A 46 2.09 -12.14 0.69
CA PHE A 46 2.16 -13.44 0.05
C PHE A 46 2.57 -14.55 1.00
N TYR A 47 2.61 -14.27 2.31
CA TYR A 47 2.87 -15.29 3.31
C TYR A 47 2.17 -16.62 2.99
N GLY A 48 0.86 -16.58 2.80
CA GLY A 48 0.17 -17.85 2.65
C GLY A 48 -0.07 -18.30 1.22
N VAL A 49 0.58 -17.70 0.24
CA VAL A 49 0.18 -17.81 -1.15
C VAL A 49 1.05 -18.86 -1.84
N GLU A 50 0.42 -19.94 -2.31
CA GLU A 50 1.19 -21.05 -2.85
C GLU A 50 1.83 -20.70 -4.19
N SER A 51 1.19 -19.84 -4.98
CA SER A 51 1.77 -19.42 -6.26
C SER A 51 0.96 -18.28 -6.83
N PRO A 52 1.39 -17.67 -7.93
CA PRO A 52 0.60 -16.58 -8.52
C PRO A 52 -0.69 -17.06 -9.14
N LYS A 53 -0.83 -18.36 -9.37
CA LYS A 53 -2.04 -18.93 -9.98
C LYS A 53 -3.31 -18.51 -9.26
N ILE A 54 -3.24 -18.28 -7.94
CA ILE A 54 -4.45 -18.03 -7.16
C ILE A 54 -4.74 -16.53 -6.95
N LEU A 55 -3.92 -15.65 -7.52
CA LEU A 55 -4.11 -14.22 -7.38
C LEU A 55 -4.95 -13.66 -8.51
N ARG A 56 -5.70 -12.61 -8.18
CA ARG A 56 -6.39 -11.80 -9.17
C ARG A 56 -6.19 -10.34 -8.78
N VAL A 57 -5.86 -9.50 -9.75
CA VAL A 57 -5.75 -8.06 -9.52
C VAL A 57 -6.95 -7.40 -10.15
N TYR A 58 -7.68 -6.62 -9.36
CA TYR A 58 -8.82 -5.84 -9.82
C TYR A 58 -8.47 -4.35 -9.72
N SER A 59 -8.67 -3.63 -10.82
CA SER A 59 -8.47 -2.19 -10.86
C SER A 59 -9.79 -1.51 -11.14
N GLY A 60 -9.81 -0.20 -10.91
CA GLY A 60 -11.03 0.55 -11.19
C GLY A 60 -12.18 0.17 -10.30
N ILE A 61 -11.90 -0.33 -9.10
CA ILE A 61 -12.91 -0.74 -8.13
C ILE A 61 -13.09 0.36 -7.09
N LEU A 62 -14.34 0.73 -6.83
CA LEU A 62 -14.66 1.52 -5.64
C LEU A 62 -15.20 0.64 -4.53
N ASN A 63 -16.29 -0.10 -4.79
CA ASN A 63 -16.88 -1.00 -3.80
C ASN A 63 -16.48 -2.43 -4.11
N GLN A 64 -16.09 -3.17 -3.07
CA GLN A 64 -15.82 -4.60 -3.26
C GLN A 64 -17.03 -5.31 -3.86
N SER A 65 -18.24 -4.85 -3.55
CA SER A 65 -19.44 -5.52 -4.03
C SER A 65 -19.63 -5.37 -5.54
N GLU A 66 -18.80 -4.56 -6.21
CA GLU A 66 -18.83 -4.51 -7.67
C GLU A 66 -18.27 -5.78 -8.30
N ILE A 67 -17.48 -6.56 -7.57
CA ILE A 67 -16.76 -7.67 -8.18
C ILE A 67 -17.70 -8.87 -8.20
N LYS A 68 -18.08 -9.30 -9.41
CA LYS A 68 -18.91 -10.47 -9.65
C LYS A 68 -18.12 -11.47 -10.48
N GLU A 69 -18.74 -12.62 -10.77
CA GLU A 69 -18.04 -13.67 -11.50
C GLU A 69 -17.67 -13.26 -12.91
N ASP A 70 -18.28 -12.21 -13.45
CA ASP A 70 -17.94 -11.72 -14.79
C ASP A 70 -17.09 -10.45 -14.76
N THR A 71 -16.71 -9.95 -13.59
CA THR A 71 -15.87 -8.77 -13.52
C THR A 71 -14.47 -9.09 -14.01
N SER A 72 -13.97 -8.30 -14.96
CA SER A 72 -12.66 -8.62 -15.49
C SER A 72 -11.56 -8.31 -14.46
N PHE A 73 -10.45 -9.04 -14.58
CA PHE A 73 -9.32 -8.85 -13.68
C PHE A 73 -8.06 -9.16 -14.46
N PHE A 74 -6.91 -8.85 -13.86
CA PHE A 74 -5.61 -9.19 -14.43
C PHE A 74 -5.06 -10.38 -13.67
N GLY A 75 -4.63 -11.40 -14.42
CA GLY A 75 -3.82 -12.44 -13.83
C GLY A 75 -2.42 -11.96 -13.50
N VAL A 76 -1.79 -12.67 -12.57
CA VAL A 76 -0.45 -12.34 -12.10
C VAL A 76 0.51 -13.33 -12.73
N GLN A 77 1.47 -12.82 -13.50
CA GLN A 77 2.47 -13.66 -14.14
C GLN A 77 3.62 -14.00 -13.19
N GLU A 78 3.98 -13.07 -12.30
CA GLU A 78 5.14 -13.24 -11.44
C GLU A 78 4.93 -12.44 -10.17
N ILE A 79 5.35 -13.01 -9.03
CA ILE A 79 5.51 -12.24 -7.80
C ILE A 79 7.00 -12.07 -7.56
N ILE A 80 7.45 -10.83 -7.43
CA ILE A 80 8.86 -10.54 -7.23
C ILE A 80 9.00 -9.96 -5.82
N ILE A 81 9.47 -10.76 -4.88
CA ILE A 81 9.63 -10.32 -3.50
C ILE A 81 11.08 -9.96 -3.30
N HIS A 82 11.33 -8.83 -2.63
CA HIS A 82 12.70 -8.40 -2.37
C HIS A 82 13.49 -9.52 -1.71
N ASP A 83 14.68 -9.79 -2.21
CA ASP A 83 15.36 -10.99 -1.75
C ASP A 83 15.80 -10.93 -0.28
N GLN A 84 15.72 -9.79 0.39
CA GLN A 84 16.06 -9.71 1.80
C GLN A 84 14.85 -9.74 2.71
N TYR A 85 13.64 -9.79 2.16
CA TYR A 85 12.46 -9.77 3.00
C TYR A 85 12.43 -11.02 3.89
N LYS A 86 12.11 -10.81 5.17
CA LYS A 86 11.90 -11.89 6.12
C LYS A 86 10.59 -11.70 6.88
N MET A 87 10.38 -10.52 7.48
CA MET A 87 9.10 -10.19 8.08
C MET A 87 8.86 -8.69 7.98
N ALA A 88 7.60 -8.30 8.07
CA ALA A 88 7.26 -6.90 7.81
C ALA A 88 8.02 -5.97 8.74
N GLU A 89 8.06 -6.30 10.03
CA GLU A 89 8.63 -5.37 11.00
C GLU A 89 10.13 -5.18 10.84
N SER A 90 10.81 -6.10 10.16
CA SER A 90 12.24 -5.93 9.93
C SER A 90 12.55 -5.40 8.53
N GLY A 91 11.54 -4.93 7.80
CA GLY A 91 11.80 -4.16 6.59
C GLY A 91 11.85 -5.00 5.34
N TYR A 92 12.18 -4.32 4.23
CA TYR A 92 12.18 -4.91 2.89
C TYR A 92 10.79 -5.40 2.50
N ASP A 93 9.75 -4.82 3.06
CA ASP A 93 8.40 -5.30 2.81
C ASP A 93 7.92 -4.70 1.48
N ILE A 94 8.32 -5.33 0.40
CA ILE A 94 8.07 -4.78 -0.93
C ILE A 94 8.08 -5.91 -1.93
N ALA A 95 7.12 -5.86 -2.85
CA ALA A 95 6.94 -6.87 -3.88
C ALA A 95 6.42 -6.20 -5.14
N LEU A 96 6.81 -6.73 -6.29
CA LEU A 96 6.21 -6.37 -7.57
C LEU A 96 5.35 -7.52 -8.03
N LEU A 97 4.20 -7.20 -8.61
CA LEU A 97 3.39 -8.15 -9.35
C LEU A 97 3.52 -7.79 -10.83
N LYS A 98 4.01 -8.72 -11.64
CA LYS A 98 3.99 -8.55 -13.08
C LYS A 98 2.68 -9.13 -13.60
N LEU A 99 1.87 -8.29 -14.24
CA LEU A 99 0.59 -8.78 -14.70
C LEU A 99 0.76 -9.57 -16.00
N GLU A 100 -0.23 -10.42 -16.31
CA GLU A 100 -0.16 -11.22 -17.52
C GLU A 100 -0.40 -10.39 -18.77
N THR A 101 -0.93 -9.18 -18.63
CA THR A 101 -1.18 -8.30 -19.76
C THR A 101 -1.05 -6.87 -19.30
N THR A 102 -1.12 -5.94 -20.24
CA THR A 102 -0.93 -4.52 -19.95
C THR A 102 -2.25 -3.84 -19.60
N VAL A 103 -2.21 -3.01 -18.57
CA VAL A 103 -3.35 -2.18 -18.23
C VAL A 103 -3.48 -1.08 -19.28
N ASN A 104 -4.69 -0.89 -19.79
CA ASN A 104 -4.98 0.29 -20.59
C ASN A 104 -5.44 1.38 -19.63
N TYR A 105 -4.67 2.46 -19.54
CA TYR A 105 -5.01 3.50 -18.59
C TYR A 105 -6.33 4.19 -18.97
N THR A 106 -7.18 4.42 -17.96
CA THR A 106 -8.45 5.12 -18.15
C THR A 106 -8.65 6.03 -16.96
N ASP A 107 -9.77 6.76 -16.95
CA ASP A 107 -10.07 7.58 -15.78
C ASP A 107 -10.03 6.76 -14.50
N SER A 108 -10.38 5.49 -14.56
CA SER A 108 -10.51 4.68 -13.36
C SER A 108 -9.26 3.87 -13.02
N GLN A 109 -8.29 3.74 -13.94
CA GLN A 109 -7.07 2.97 -13.65
C GLN A 109 -5.88 3.69 -14.25
N ARG A 110 -5.03 4.25 -13.40
CA ARG A 110 -3.94 5.13 -13.80
C ARG A 110 -2.73 4.82 -12.94
N PRO A 111 -1.53 5.09 -13.44
CA PRO A 111 -0.32 4.87 -12.64
C PRO A 111 -0.07 6.04 -11.71
N ILE A 112 0.59 5.74 -10.60
CA ILE A 112 1.16 6.77 -9.73
C ILE A 112 2.68 6.79 -9.94
N SER A 113 3.25 7.99 -9.99
CA SER A 113 4.68 8.17 -10.15
C SER A 113 5.43 7.75 -8.88
N LEU A 114 6.63 7.17 -9.07
CA LEU A 114 7.54 6.96 -7.96
C LEU A 114 8.05 8.31 -7.46
N PRO A 115 8.56 8.37 -6.24
CA PRO A 115 9.24 9.59 -5.81
C PRO A 115 10.33 9.96 -6.81
N SER A 116 10.37 11.23 -7.18
CA SER A 116 11.17 11.64 -8.32
C SER A 116 12.63 11.82 -7.95
N LYS A 117 13.50 11.48 -8.89
CA LYS A 117 14.91 11.75 -8.72
CA LYS A 117 14.91 11.74 -8.70
C LYS A 117 15.13 13.23 -8.43
N GLY A 118 15.89 13.53 -7.37
CA GLY A 118 16.08 14.89 -6.96
C GLY A 118 15.06 15.43 -5.98
N ASP A 119 14.07 14.64 -5.60
CA ASP A 119 13.13 15.04 -4.55
C ASP A 119 13.47 14.39 -3.21
N ARG A 120 14.69 13.88 -3.06
CA ARG A 120 15.04 13.11 -1.86
C ARG A 120 14.91 13.95 -0.59
N ASN A 121 14.92 15.28 -0.71
CA ASN A 121 14.85 16.19 0.42
C ASN A 121 13.57 17.02 0.40
N VAL A 122 12.53 16.53 -0.26
CA VAL A 122 11.23 17.19 -0.21
C VAL A 122 10.56 16.87 1.12
N ILE A 123 9.78 17.81 1.62
CA ILE A 123 8.99 17.62 2.83
C ILE A 123 7.55 17.45 2.38
N TYR A 124 7.05 16.22 2.40
CA TYR A 124 5.69 15.95 1.93
C TYR A 124 4.71 16.30 3.03
N THR A 125 3.82 17.26 2.77
CA THR A 125 2.81 17.68 3.73
C THR A 125 1.39 17.25 3.38
N ASP A 126 1.19 16.53 2.27
CA ASP A 126 -0.15 16.17 1.80
C ASP A 126 -0.18 14.68 1.45
N CYS A 127 -0.20 13.83 2.48
CA CYS A 127 -0.10 12.40 2.29
C CYS A 127 -1.38 11.71 2.73
N TRP A 128 -1.78 10.67 2.00
CA TRP A 128 -3.04 9.97 2.19
C TRP A 128 -2.83 8.47 2.11
N VAL A 129 -3.51 7.76 3.02
CA VAL A 129 -3.51 6.31 3.05
C VAL A 129 -4.91 5.81 2.71
N THR A 130 -5.01 4.79 1.86
CA THR A 130 -6.26 4.36 1.30
C THR A 130 -6.37 2.84 1.35
N GLY A 131 -7.60 2.33 1.42
CA GLY A 131 -7.78 0.89 1.42
C GLY A 131 -9.15 0.47 1.91
N TRP A 132 -9.39 -0.84 1.78
CA TRP A 132 -10.63 -1.45 2.22
C TRP A 132 -10.50 -2.14 3.57
N GLY A 133 -9.47 -1.81 4.34
CA GLY A 133 -9.21 -2.50 5.58
C GLY A 133 -10.17 -2.14 6.73
N TYR A 134 -9.93 -2.81 7.86
CA TYR A 134 -10.71 -2.63 9.08
C TYR A 134 -10.82 -1.16 9.47
N ARG A 135 -11.95 -0.79 10.08
CA ARG A 135 -12.05 0.53 10.70
C ARG A 135 -11.58 0.55 12.15
N LYS A 136 -11.26 -0.61 12.72
CA LYS A 136 -10.79 -0.77 14.08
C LYS A 136 -10.14 -2.14 14.16
N LEU A 137 -9.41 -2.38 15.27
CA LEU A 137 -8.60 -3.59 15.32
C LEU A 137 -9.42 -4.85 15.11
N ARG A 138 -10.69 -4.86 15.54
CA ARG A 138 -11.56 -6.02 15.42
C ARG A 138 -12.81 -5.62 14.65
N ASP A 139 -12.70 -5.62 13.32
CA ASP A 139 -13.77 -5.12 12.47
C ASP A 139 -14.00 -6.08 11.31
N LYS A 140 -14.05 -5.55 10.09
CA LYS A 140 -14.29 -6.35 8.88
C LYS A 140 -13.82 -5.52 7.70
N ILE A 141 -13.64 -6.19 6.55
CA ILE A 141 -13.26 -5.46 5.34
C ILE A 141 -14.41 -4.54 4.94
N GLN A 142 -14.07 -3.31 4.53
CA GLN A 142 -15.05 -2.30 4.18
C GLN A 142 -15.42 -2.40 2.72
N ASN A 143 -16.70 -2.23 2.42
CA ASN A 143 -17.14 -2.33 1.03
C ASN A 143 -16.53 -1.23 0.18
N THR A 144 -16.54 0.01 0.67
CA THR A 144 -16.10 1.17 -0.10
C THR A 144 -14.70 1.61 0.30
N LEU A 145 -13.83 1.78 -0.70
CA LEU A 145 -12.48 2.29 -0.49
C LEU A 145 -12.49 3.50 0.43
N GLN A 146 -11.71 3.44 1.51
CA GLN A 146 -11.62 4.52 2.47
C GLN A 146 -10.33 5.32 2.26
N LYS A 147 -10.35 6.59 2.70
CA LYS A 147 -9.18 7.46 2.60
C LYS A 147 -8.99 8.18 3.93
N ALA A 148 -7.74 8.46 4.30
CA ALA A 148 -7.47 9.28 5.48
C ALA A 148 -6.18 10.06 5.23
N LYS A 149 -6.17 11.32 5.64
CA LYS A 149 -4.96 12.14 5.56
C LYS A 149 -4.16 11.91 6.83
N ILE A 150 -2.89 11.55 6.68
CA ILE A 150 -2.03 11.27 7.83
C ILE A 150 -0.69 11.97 7.65
N PRO A 151 -0.16 12.62 8.68
CA PRO A 151 1.12 13.31 8.54
C PRO A 151 2.30 12.39 8.72
N LEU A 152 3.36 12.66 7.97
CA LEU A 152 4.61 11.93 8.16
C LEU A 152 5.25 12.33 9.48
N VAL A 153 5.96 11.41 10.09
CA VAL A 153 6.74 11.74 11.28
C VAL A 153 8.19 11.33 11.01
N THR A 154 9.11 11.95 11.74
CA THR A 154 10.51 11.69 11.49
C THR A 154 10.88 10.29 11.97
N ASN A 155 11.91 9.72 11.36
CA ASN A 155 12.33 8.39 11.80
C ASN A 155 12.82 8.42 13.24
N GLU A 156 13.37 9.56 13.69
CA GLU A 156 13.83 9.63 15.07
C GLU A 156 12.66 9.51 16.04
N GLU A 157 11.56 10.24 15.77
CA GLU A 157 10.38 10.09 16.62
C GLU A 157 9.80 8.69 16.49
N CYS A 158 9.77 8.13 15.27
CA CYS A 158 9.22 6.80 15.07
C CYS A 158 10.00 5.76 15.87
N GLN A 159 11.32 5.84 15.84
CA GLN A 159 12.14 4.91 16.62
C GLN A 159 11.84 5.01 18.12
N LYS A 160 11.63 6.24 18.62
CA LYS A 160 11.30 6.38 20.04
C LYS A 160 9.99 5.70 20.40
N ARG A 161 9.08 5.53 19.44
CA ARG A 161 7.81 4.86 19.69
C ARG A 161 7.91 3.35 19.56
N TYR A 162 8.96 2.84 18.90
CA TYR A 162 9.11 1.44 18.55
C TYR A 162 10.49 0.96 18.99
N ARG A 163 10.77 1.11 20.28
N ARG A 163 10.76 1.10 20.28
CA ARG A 163 12.10 0.79 20.80
CA ARG A 163 12.08 0.78 20.81
C ARG A 163 12.39 -0.71 20.74
C ARG A 163 12.38 -0.71 20.76
N GLY A 164 11.39 -1.55 20.49
CA GLY A 164 11.64 -2.96 20.26
C GLY A 164 11.96 -3.34 18.82
N HIS A 165 11.94 -2.38 17.90
CA HIS A 165 12.15 -2.65 16.48
C HIS A 165 13.28 -1.77 15.97
N LYS A 166 13.84 -2.14 14.82
CA LYS A 166 14.85 -1.31 14.17
C LYS A 166 14.14 -0.49 13.10
N ILE A 167 13.86 0.77 13.41
CA ILE A 167 13.30 1.66 12.39
C ILE A 167 14.47 2.18 11.57
N THR A 168 14.48 1.87 10.27
CA THR A 168 15.61 2.21 9.41
C THR A 168 15.21 3.30 8.42
N HIS A 169 16.22 3.81 7.70
CA HIS A 169 15.96 4.74 6.62
C HIS A 169 15.16 4.11 5.47
N LYS A 170 15.01 2.78 5.44
CA LYS A 170 14.15 2.17 4.43
C LYS A 170 12.71 2.07 4.88
N MET A 171 12.38 2.71 6.01
CA MET A 171 11.03 2.84 6.51
C MET A 171 10.67 4.30 6.63
N ILE A 172 9.37 4.57 6.59
CA ILE A 172 8.83 5.91 6.79
C ILE A 172 7.57 5.74 7.64
N CYS A 173 7.41 6.60 8.63
CA CYS A 173 6.32 6.48 9.58
C CYS A 173 5.37 7.66 9.43
N ALA A 174 4.10 7.41 9.76
CA ALA A 174 3.05 8.41 9.58
C ALA A 174 1.94 8.15 10.59
N GLY A 175 1.50 9.21 11.26
CA GLY A 175 0.47 9.06 12.28
C GLY A 175 0.30 10.29 13.14
N TYR A 176 -0.84 10.42 13.81
CA TYR A 176 -1.10 11.57 14.70
C TYR A 176 -0.64 11.25 16.12
N ARG A 177 -0.13 12.26 16.82
CA ARG A 177 0.30 12.04 18.20
C ARG A 177 -0.80 11.36 19.01
N GLU A 178 -2.02 11.83 18.86
CA GLU A 178 -3.16 11.29 19.60
C GLU A 178 -3.85 10.13 18.90
N GLY A 179 -3.27 9.60 17.82
CA GLY A 179 -3.93 8.51 17.09
C GLY A 179 -5.20 8.96 16.40
N GLY A 180 -6.06 7.96 16.08
CA GLY A 180 -7.37 8.20 15.52
C GLY A 180 -7.48 7.95 14.03
N LYS A 181 -6.36 8.07 13.28
CA LYS A 181 -6.36 7.83 11.85
C LYS A 181 -5.12 7.01 11.52
N ASP A 182 -5.28 5.93 10.77
CA ASP A 182 -4.18 5.01 10.52
C ASP A 182 -4.69 3.95 9.55
N ALA A 183 -3.75 3.16 9.01
CA ALA A 183 -4.12 1.93 8.33
C ALA A 183 -4.53 0.86 9.35
N CYS A 184 -5.13 -0.22 8.86
CA CYS A 184 -5.47 -1.35 9.72
C CYS A 184 -5.55 -2.60 8.87
N LYS A 185 -6.05 -3.69 9.44
CA LYS A 185 -6.02 -4.99 8.77
C LYS A 185 -6.74 -4.96 7.43
N GLY A 186 -6.03 -5.35 6.37
CA GLY A 186 -6.57 -5.31 5.04
C GLY A 186 -6.09 -4.12 4.24
N ASP A 187 -5.40 -3.18 4.87
CA ASP A 187 -4.86 -2.06 4.12
C ASP A 187 -3.44 -2.30 3.60
N SER A 188 -2.70 -3.25 4.17
N SER A 188 -2.68 -3.22 4.20
CA SER A 188 -1.30 -3.46 3.79
CA SER A 188 -1.27 -3.38 3.83
C SER A 188 -1.17 -3.63 2.29
C SER A 188 -1.13 -3.69 2.34
N GLY A 189 0.02 -3.28 1.78
CA GLY A 189 0.31 -3.38 0.35
C GLY A 189 -0.15 -2.17 -0.45
N GLY A 190 -1.18 -1.46 0.05
CA GLY A 190 -1.63 -0.27 -0.63
C GLY A 190 -0.70 0.91 -0.45
N PRO A 191 -1.06 2.03 -1.10
CA PRO A 191 -0.20 3.21 -1.14
C PRO A 191 -0.37 4.14 0.05
N LEU A 192 0.75 4.77 0.40
CA LEU A 192 0.78 6.08 1.04
C LEU A 192 1.12 7.08 -0.07
N SER A 193 0.13 7.85 -0.51
CA SER A 193 0.28 8.72 -1.68
C SER A 193 0.42 10.16 -1.19
N CYS A 194 1.44 10.87 -1.66
CA CYS A 194 1.63 12.26 -1.27
C CYS A 194 1.62 13.13 -2.52
N LYS A 195 0.89 14.24 -2.46
CA LYS A 195 0.80 15.15 -3.58
C LYS A 195 1.79 16.27 -3.38
N HIS A 196 2.65 16.51 -4.38
CA HIS A 196 3.61 17.59 -4.31
C HIS A 196 3.59 18.31 -5.64
N ASN A 197 3.41 19.63 -5.61
CA ASN A 197 3.33 20.38 -6.85
C ASN A 197 2.24 19.82 -7.75
N GLU A 198 1.14 19.40 -7.13
CA GLU A 198 -0.05 18.86 -7.77
C GLU A 198 0.21 17.54 -8.49
N VAL A 199 1.28 16.84 -8.15
CA VAL A 199 1.58 15.53 -8.71
C VAL A 199 1.61 14.51 -7.58
N TRP A 200 0.92 13.39 -7.75
CA TRP A 200 0.95 12.34 -6.75
C TRP A 200 2.19 11.48 -6.90
N HIS A 201 2.78 11.12 -5.76
CA HIS A 201 3.94 10.22 -5.73
C HIS A 201 3.68 9.12 -4.72
N LEU A 202 4.10 7.92 -5.09
CA LEU A 202 3.99 6.75 -4.21
C LEU A 202 5.14 6.80 -3.21
N VAL A 203 4.87 7.42 -2.06
CA VAL A 203 5.91 7.63 -1.06
C VAL A 203 6.07 6.43 -0.14
N GLY A 204 4.96 5.74 0.18
CA GLY A 204 5.03 4.61 1.09
C GLY A 204 4.20 3.42 0.63
N ILE A 205 4.55 2.25 1.17
CA ILE A 205 3.71 1.04 1.08
C ILE A 205 3.27 0.67 2.49
N THR A 206 1.96 0.63 2.70
CA THR A 206 1.39 0.30 4.00
C THR A 206 1.92 -1.07 4.48
N SER A 207 2.53 -1.11 5.68
CA SER A 207 3.28 -2.31 6.07
C SER A 207 2.93 -2.85 7.45
N TRP A 208 3.09 -2.07 8.51
CA TRP A 208 2.82 -2.65 9.83
C TRP A 208 2.62 -1.52 10.84
N GLY A 209 2.13 -1.90 12.02
CA GLY A 209 1.98 -0.96 13.11
C GLY A 209 1.56 -1.71 14.35
N GLU A 210 1.78 -1.09 15.50
CA GLU A 210 1.38 -1.68 16.77
C GLU A 210 -0.06 -1.24 17.06
N GLY A 211 -1.01 -2.17 16.88
CA GLY A 211 -2.41 -1.78 16.92
C GLY A 211 -2.79 -1.01 15.66
N CYS A 212 -3.93 -0.32 15.73
CA CYS A 212 -4.38 0.54 14.64
C CYS A 212 -4.77 1.89 15.22
N ALA A 213 -4.07 2.94 14.81
CA ALA A 213 -4.42 4.31 15.17
C ALA A 213 -4.28 4.58 16.66
N GLN A 214 -3.39 3.88 17.34
CA GLN A 214 -3.15 4.11 18.76
CA GLN A 214 -3.22 4.16 18.75
C GLN A 214 -2.34 5.39 18.97
N ARG A 215 -2.50 6.00 20.14
CA ARG A 215 -1.68 7.17 20.47
C ARG A 215 -0.20 6.84 20.40
N GLU A 216 0.59 7.77 19.87
CA GLU A 216 2.04 7.64 19.94
C GLU A 216 2.54 6.34 19.30
N ARG A 217 1.84 5.82 18.29
CA ARG A 217 2.22 4.58 17.60
C ARG A 217 1.96 4.75 16.12
N PRO A 218 2.87 5.39 15.40
CA PRO A 218 2.62 5.66 13.99
C PRO A 218 2.53 4.36 13.20
N GLY A 219 1.78 4.42 12.11
CA GLY A 219 1.85 3.38 11.10
C GLY A 219 3.23 3.40 10.44
N VAL A 220 3.69 2.22 10.04
CA VAL A 220 5.00 2.09 9.42
C VAL A 220 4.82 1.61 7.99
N TYR A 221 5.55 2.25 7.07
CA TYR A 221 5.41 2.10 5.63
C TYR A 221 6.79 1.81 5.03
N THR A 222 6.80 1.02 3.97
CA THR A 222 8.04 0.85 3.20
C THR A 222 8.36 2.19 2.53
N ASN A 223 9.61 2.64 2.65
CA ASN A 223 10.01 3.96 2.15
C ASN A 223 10.37 3.79 0.67
N VAL A 224 9.39 4.05 -0.20
CA VAL A 224 9.54 3.67 -1.61
C VAL A 224 10.77 4.32 -2.24
N VAL A 225 11.11 5.55 -1.85
CA VAL A 225 12.23 6.21 -2.53
C VAL A 225 13.51 5.39 -2.40
N GLU A 226 13.65 4.64 -1.30
CA GLU A 226 14.88 3.87 -1.09
C GLU A 226 14.90 2.59 -1.90
N TYR A 227 13.83 2.29 -2.63
CA TYR A 227 13.76 1.09 -3.45
C TYR A 227 13.63 1.40 -4.93
N VAL A 228 13.76 2.67 -5.34
CA VAL A 228 13.59 3.01 -6.75
C VAL A 228 14.58 2.22 -7.63
N ASP A 229 15.85 2.13 -7.23
CA ASP A 229 16.83 1.36 -8.02
C ASP A 229 16.38 -0.09 -8.18
N TRP A 230 15.93 -0.70 -7.09
CA TRP A 230 15.47 -2.09 -7.12
C TRP A 230 14.25 -2.24 -8.03
N ILE A 231 13.30 -1.32 -7.92
CA ILE A 231 12.13 -1.35 -8.81
C ILE A 231 12.57 -1.23 -10.25
N LEU A 232 13.40 -0.22 -10.56
CA LEU A 232 13.78 0.01 -11.95
C LEU A 232 14.52 -1.20 -12.50
N GLU A 233 15.34 -1.83 -11.67
CA GLU A 233 16.09 -2.99 -12.15
C GLU A 233 15.14 -4.14 -12.45
N LYS A 234 14.13 -4.33 -11.60
CA LYS A 234 13.19 -5.42 -11.80
C LYS A 234 12.28 -5.15 -12.99
N THR A 235 11.79 -3.92 -13.13
CA THR A 235 10.84 -3.61 -14.19
C THR A 235 11.50 -3.36 -15.54
N GLN A 236 12.82 -3.15 -15.58
CA GLN A 236 13.55 -2.89 -16.83
C GLN A 236 14.36 -4.09 -17.27
C8 OQI B . -7.71 -9.61 7.42
C10 OQI B . -6.60 -9.14 5.38
C25 OQI B . -0.70 -4.77 9.55
C36 OQI B . -1.27 -0.77 11.56
C7 OQI B . -8.87 -9.90 6.73
C11 OQI B . -7.74 -9.41 4.68
C35 OQI B . -0.61 0.18 10.81
C24 OQI B . -0.90 -5.98 8.93
C13 OQI B . -4.78 -8.94 8.68
C16 OQI B . -4.35 -8.21 6.65
C27 OQI B . -2.27 -3.77 8.10
C39 OQI B . -1.78 -3.40 13.07
C9 OQI B . -6.58 -9.24 6.74
C26 OQI B . -1.37 -3.63 9.15
C12 OQI B . -5.33 -8.86 7.37
C30 OQI B . -1.13 -2.33 9.76
C37 OQI B . -1.53 -2.01 11.03
C6 OQI B . -8.87 -9.78 5.35
C31 OQI B . -0.47 -1.38 9.02
C33 OQI B . -0.21 -0.13 9.54
C23 OQI B . -1.80 -6.06 7.89
C3 OQI B . -10.99 -10.86 4.68
C21 OQI B . -0.41 -10.15 5.54
C22 OQI B . -1.69 -9.51 5.04
C20 OQI B . -1.38 -9.53 6.50
C1 OQI B . -12.66 -11.62 5.93
C19 OQI B . -0.95 -8.30 7.21
C17 OQI B . -2.10 -7.33 7.14
N14 OQI B . -3.55 -8.41 8.77
N40 OQI B . -2.58 -4.37 13.46
N41 OQI B . -3.48 -4.50 12.44
N42 OQI B . -3.25 -3.65 11.46
N15 OQI B . -3.33 -7.97 7.52
N38 OQI B . -2.18 -2.95 11.85
N28 OQI B . -2.47 -4.96 7.49
N5 OQI B . -9.95 -10.00 4.50
O29 OQI B . -3.30 -5.03 6.52
O4 OQI B . -11.55 -11.41 3.74
O2 OQI B . -11.38 -11.00 5.97
F32 OQI B . -0.05 -1.66 7.77
CL34 OQI B . 0.62 1.03 8.58
H48 OQI B . -7.69 -9.70 8.51
H49 OQI B . -5.71 -8.82 4.84
H61 OQI B . 0.00 -4.70 10.37
H64 OQI B . -1.60 -0.53 12.57
H47 OQI B . -9.76 -10.19 7.26
H50 OQI B . -7.76 -9.31 3.60
H63 OQI B . -0.41 1.17 11.22
H60 OQI B . -0.36 -6.86 9.27
H51 OQI B . -5.23 -9.37 9.56
H52 OQI B . -4.29 -7.92 5.61
H62 OQI B . -2.84 -2.94 7.70
H65 OQI B . -0.94 -2.99 13.60
H56 OQI B . -0.35 -11.23 5.50
H57 OQI B . 0.51 -9.63 5.35
H59 OQI B . -2.47 -10.16 4.69
H58 OQI B . -1.61 -8.56 4.52
H55 OQI B . -1.97 -10.18 7.14
H45 OQI B . -13.00 -11.82 6.95
H43 OQI B . -12.60 -12.56 5.37
H44 OQI B . -13.36 -10.95 5.44
H54 OQI B . -0.07 -7.88 6.71
H53 OQI B . -0.68 -8.52 8.24
H18 OQI B . -2.25 -7.05 6.09
H46 OQI B . -9.81 -9.65 3.55
C1 CIT C . -8.56 13.17 -2.08
O1 CIT C . -8.79 12.79 -3.26
O2 CIT C . -9.44 13.00 -1.21
C2 CIT C . -7.26 13.80 -1.67
C3 CIT C . -7.22 15.32 -1.84
O7 CIT C . -8.18 15.90 -0.93
C4 CIT C . -5.83 15.88 -1.58
C5 CIT C . -5.87 17.39 -1.72
O3 CIT C . -4.81 18.00 -1.62
O4 CIT C . -6.94 18.01 -1.96
C6 CIT C . -7.63 15.71 -3.25
O5 CIT C . -6.74 15.93 -4.11
O6 CIT C . -8.84 15.84 -3.54
H21 CIT C . -7.06 13.57 -0.62
H22 CIT C . -6.45 13.37 -2.26
HO7 CIT C . -8.85 16.40 -1.44
H41 CIT C . -5.52 15.61 -0.56
H42 CIT C . -5.13 15.45 -2.29
#